data_1Z0X
#
_entry.id   1Z0X
#
_cell.length_a   88.418
_cell.length_b   126.810
_cell.length_c   38.391
_cell.angle_alpha   90.00
_cell.angle_beta   90.00
_cell.angle_gamma   90.00
#
_symmetry.space_group_name_H-M   'P 21 21 2'
#
loop_
_entity.id
_entity.type
_entity.pdbx_description
1 polymer 'transcriptional regulator, TetR family'
2 non-polymer 'CHLORIDE ION'
3 water water
#
_entity_poly.entity_id   1
_entity_poly.type   'polypeptide(L)'
_entity_poly.pdbx_seq_one_letter_code
;(MSE)EPKLSKDTIIAAAFSLLEKSPTLEQLS(MSE)RKVAKQLGVQAPAIYWYFKNKQALLQS(MSE)AEAIEEHFQEP
ALCGEWYSDLLAF(MSE)ENYYDLYQQFPCAVAIEIQTVPAYPQRLRHLNQ(MSE)(MSE)GILREAGFSPE(MSE)THL
AVTSLQHLLFG(MSE)I(MSE)DATEEKQLVSQVLNGDDYLKEQVLH(MSE)KQYVSDNELTY(MSE)EESIQFRHSIHQ
KSAFIQAVKTYLDGLQADNTSSSK
;
_entity_poly.pdbx_strand_id   A,B
#
# COMPACT_ATOMS: atom_id res chain seq x y z
N LYS A 4 -33.62 6.14 12.16
CA LYS A 4 -32.24 6.70 12.33
C LYS A 4 -31.38 6.40 11.10
N LEU A 5 -32.03 6.18 9.97
CA LEU A 5 -31.32 5.88 8.73
C LEU A 5 -31.10 7.13 7.89
N SER A 6 -29.88 7.28 7.39
CA SER A 6 -29.48 8.41 6.55
C SER A 6 -28.07 8.09 6.07
N LYS A 7 -27.61 8.77 5.03
CA LYS A 7 -26.26 8.53 4.53
C LYS A 7 -25.23 8.54 5.65
N ASP A 8 -25.31 9.54 6.52
CA ASP A 8 -24.39 9.67 7.64
C ASP A 8 -24.40 8.44 8.54
N THR A 9 -25.59 7.90 8.76
CA THR A 9 -25.74 6.71 9.60
C THR A 9 -25.14 5.47 8.93
N ILE A 10 -25.41 5.31 7.64
CA ILE A 10 -24.87 4.18 6.89
C ILE A 10 -23.33 4.27 6.92
N ILE A 11 -22.80 5.42 6.51
CA ILE A 11 -21.36 5.69 6.47
C ILE A 11 -20.71 5.33 7.80
N ALA A 12 -21.30 5.80 8.89
CA ALA A 12 -20.77 5.53 10.22
C ALA A 12 -20.75 4.03 10.53
N ALA A 13 -21.86 3.36 10.25
CA ALA A 13 -21.99 1.92 10.50
C ALA A 13 -20.88 1.17 9.78
N ALA A 14 -20.55 1.63 8.58
CA ALA A 14 -19.50 1.02 7.80
C ALA A 14 -18.16 1.15 8.52
N PHE A 15 -17.82 2.37 8.93
CA PHE A 15 -16.56 2.60 9.64
C PHE A 15 -16.49 1.83 10.95
N SER A 16 -17.62 1.75 11.66
CA SER A 16 -17.67 1.01 12.91
C SER A 16 -17.37 -0.44 12.61
N LEU A 17 -18.01 -0.92 11.55
CA LEU A 17 -17.86 -2.29 11.09
C LEU A 17 -16.38 -2.57 10.81
N LEU A 18 -15.69 -1.60 10.20
CA LEU A 18 -14.26 -1.74 9.88
C LEU A 18 -13.37 -1.64 11.11
N GLU A 19 -13.75 -0.81 12.09
CA GLU A 19 -12.94 -0.69 13.30
C GLU A 19 -12.68 -2.08 13.89
N LYS A 20 -13.75 -2.85 14.09
CA LYS A 20 -13.63 -4.21 14.63
C LYS A 20 -12.79 -5.10 13.73
N SER A 21 -13.03 -5.01 12.41
CA SER A 21 -12.28 -5.81 11.45
C SER A 21 -11.85 -4.98 10.24
N PRO A 22 -10.74 -4.24 10.39
CA PRO A 22 -10.15 -3.38 9.37
C PRO A 22 -9.67 -4.07 8.10
N THR A 23 -10.61 -4.68 7.38
CA THR A 23 -10.33 -5.36 6.13
C THR A 23 -11.48 -4.98 5.21
N LEU A 24 -11.28 -3.90 4.45
CA LEU A 24 -12.29 -3.38 3.54
C LEU A 24 -12.91 -4.45 2.66
N GLU A 25 -12.10 -5.42 2.26
CA GLU A 25 -12.56 -6.51 1.40
C GLU A 25 -13.75 -7.26 2.02
N GLN A 26 -13.93 -7.11 3.34
CA GLN A 26 -15.02 -7.79 4.03
C GLN A 26 -16.26 -6.92 4.21
N LEU A 27 -16.20 -5.69 3.74
CA LEU A 27 -17.32 -4.78 3.85
C LEU A 27 -18.33 -5.07 2.75
N SER A 28 -19.53 -5.46 3.14
CA SER A 28 -20.58 -5.78 2.18
C SER A 28 -21.81 -4.97 2.50
N ARG A 30 -24.67 -6.10 2.61
CA ARG A 30 -25.41 -6.94 3.54
C ARG A 30 -24.87 -6.83 4.96
N LYS A 31 -23.57 -6.63 5.12
CA LYS A 31 -23.02 -6.51 6.47
C LYS A 31 -23.31 -5.13 7.07
N VAL A 32 -23.31 -4.09 6.23
CA VAL A 32 -23.61 -2.75 6.73
C VAL A 32 -25.05 -2.74 7.24
N ALA A 33 -25.96 -3.34 6.47
CA ALA A 33 -27.37 -3.40 6.87
C ALA A 33 -27.51 -4.08 8.22
N LYS A 34 -26.85 -5.22 8.37
CA LYS A 34 -26.88 -5.98 9.62
C LYS A 34 -26.39 -5.10 10.77
N GLN A 35 -25.33 -4.35 10.52
CA GLN A 35 -24.75 -3.45 11.53
C GLN A 35 -25.80 -2.44 11.99
N LEU A 36 -26.66 -2.04 11.07
CA LEU A 36 -27.73 -1.09 11.37
C LEU A 36 -28.96 -1.80 11.91
N GLY A 37 -29.08 -3.09 11.61
CA GLY A 37 -30.23 -3.84 12.06
C GLY A 37 -31.31 -3.79 11.00
N VAL A 38 -30.87 -3.71 9.75
CA VAL A 38 -31.77 -3.63 8.62
C VAL A 38 -31.25 -4.57 7.53
N GLN A 39 -32.02 -4.75 6.46
CA GLN A 39 -31.60 -5.61 5.36
C GLN A 39 -31.12 -4.77 4.19
N ALA A 40 -30.20 -5.35 3.42
CA ALA A 40 -29.59 -4.71 2.27
C ALA A 40 -30.44 -3.73 1.44
N PRO A 41 -31.65 -4.14 1.01
CA PRO A 41 -32.48 -3.23 0.21
C PRO A 41 -32.60 -1.82 0.76
N ALA A 42 -32.84 -1.70 2.06
CA ALA A 42 -32.95 -0.39 2.69
C ALA A 42 -31.74 0.47 2.36
N ILE A 43 -30.56 -0.11 2.51
CA ILE A 43 -29.27 0.53 2.25
C ILE A 43 -29.14 1.02 0.80
N TYR A 44 -29.56 0.18 -0.14
CA TYR A 44 -29.48 0.54 -1.55
C TYR A 44 -30.29 1.77 -1.92
N TRP A 45 -31.27 2.12 -1.10
CA TRP A 45 -32.06 3.30 -1.40
C TRP A 45 -31.16 4.50 -1.20
N TYR A 46 -30.10 4.32 -0.42
CA TYR A 46 -29.16 5.40 -0.17
C TYR A 46 -27.92 5.34 -1.05
N PHE A 47 -27.52 4.13 -1.43
CA PHE A 47 -26.35 3.96 -2.29
C PHE A 47 -26.66 2.93 -3.36
N LYS A 48 -26.41 3.27 -4.61
CA LYS A 48 -26.70 2.36 -5.71
C LYS A 48 -25.83 1.12 -5.74
N ASN A 49 -24.77 1.11 -4.94
CA ASN A 49 -23.87 -0.03 -4.86
C ASN A 49 -22.74 0.24 -3.87
N LYS A 50 -21.89 -0.75 -3.67
CA LYS A 50 -20.78 -0.62 -2.74
C LYS A 50 -19.84 0.50 -3.16
N GLN A 51 -19.60 0.61 -4.46
CA GLN A 51 -18.71 1.66 -4.98
C GLN A 51 -19.18 3.07 -4.60
N ALA A 52 -20.50 3.26 -4.53
CA ALA A 52 -21.04 4.57 -4.17
C ALA A 52 -20.79 4.86 -2.69
N LEU A 53 -20.89 3.82 -1.87
CA LEU A 53 -20.66 3.95 -0.44
C LEU A 53 -19.20 4.30 -0.21
N LEU A 54 -18.30 3.68 -0.97
CA LEU A 54 -16.89 3.97 -0.82
C LEU A 54 -16.59 5.39 -1.27
N GLN A 55 -17.15 5.79 -2.41
CA GLN A 55 -16.95 7.17 -2.86
C GLN A 55 -17.34 8.11 -1.73
N SER A 56 -18.50 7.87 -1.12
CA SER A 56 -18.99 8.69 -0.03
C SER A 56 -18.12 8.58 1.20
N ALA A 58 -14.88 7.92 1.11
CA ALA A 58 -13.63 8.61 0.77
C ALA A 58 -13.85 10.10 1.07
N GLU A 59 -15.00 10.62 0.64
CA GLU A 59 -15.35 12.01 0.86
C GLU A 59 -15.40 12.30 2.36
N ALA A 60 -16.09 11.45 3.11
CA ALA A 60 -16.22 11.63 4.55
C ALA A 60 -14.83 11.77 5.18
N ILE A 61 -13.87 10.97 4.71
CA ILE A 61 -12.50 11.01 5.23
C ILE A 61 -11.80 12.35 4.89
N GLU A 62 -11.86 12.75 3.62
CA GLU A 62 -11.23 13.99 3.18
C GLU A 62 -11.80 15.21 3.90
N GLU A 63 -13.10 15.21 4.18
CA GLU A 63 -13.73 16.32 4.89
C GLU A 63 -13.03 16.57 6.23
N HIS A 64 -12.44 15.52 6.79
CA HIS A 64 -11.76 15.63 8.08
C HIS A 64 -10.32 16.06 7.94
N PHE A 65 -9.87 16.31 6.72
CA PHE A 65 -8.50 16.73 6.51
C PHE A 65 -8.28 18.12 7.12
N GLN A 66 -7.34 18.21 8.05
CA GLN A 66 -7.02 19.48 8.68
C GLN A 66 -6.21 20.33 7.69
N GLU A 67 -6.76 21.47 7.30
CA GLU A 67 -6.08 22.38 6.37
C GLU A 67 -4.76 22.85 6.95
N PRO A 68 -3.66 22.67 6.19
CA PRO A 68 -2.36 23.10 6.68
C PRO A 68 -2.14 24.60 6.56
N ALA A 69 -1.25 25.13 7.40
CA ALA A 69 -0.91 26.56 7.36
C ALA A 69 0.35 26.65 6.49
N LEU A 70 0.23 27.25 5.32
CA LEU A 70 1.38 27.36 4.42
C LEU A 70 2.06 28.73 4.51
N CYS A 71 3.31 28.77 4.07
CA CYS A 71 4.10 30.01 4.11
C CYS A 71 4.63 30.39 2.75
N GLY A 72 4.37 29.54 1.75
CA GLY A 72 4.86 29.84 0.41
C GLY A 72 6.15 29.10 0.04
N GLU A 73 6.71 28.35 0.98
CA GLU A 73 7.92 27.58 0.69
C GLU A 73 7.50 26.16 0.32
N TRP A 74 7.94 25.67 -0.84
CA TRP A 74 7.52 24.35 -1.30
C TRP A 74 7.85 23.17 -0.42
N TYR A 75 9.06 23.14 0.12
CA TYR A 75 9.50 22.05 0.96
C TYR A 75 8.65 21.97 2.21
N SER A 76 8.55 23.11 2.91
CA SER A 76 7.78 23.19 4.14
C SER A 76 6.27 22.95 3.95
N ASP A 77 5.66 23.61 2.98
CA ASP A 77 4.22 23.45 2.78
C ASP A 77 3.86 22.03 2.35
N LEU A 78 4.71 21.43 1.51
CA LEU A 78 4.42 20.07 1.06
C LEU A 78 4.58 19.09 2.23
N LEU A 79 5.46 19.44 3.17
CA LEU A 79 5.68 18.59 4.33
C LEU A 79 4.45 18.72 5.24
N ALA A 80 3.88 19.93 5.32
CA ALA A 80 2.72 20.17 6.17
C ALA A 80 1.56 19.32 5.68
N PHE A 81 1.38 19.29 4.37
CA PHE A 81 0.32 18.49 3.75
C PHE A 81 0.45 17.00 4.10
N GLU A 83 2.19 15.68 6.70
CA GLU A 83 2.05 15.45 8.13
C GLU A 83 0.56 15.35 8.44
N ASN A 84 -0.21 16.28 7.86
CA ASN A 84 -1.64 16.30 8.07
C ASN A 84 -2.38 15.13 7.45
N TYR A 85 -1.86 14.61 6.35
CA TYR A 85 -2.51 13.46 5.73
C TYR A 85 -2.21 12.24 6.58
N TYR A 86 -1.07 12.27 7.25
CA TYR A 86 -0.70 11.15 8.10
C TYR A 86 -1.62 11.14 9.32
N ASP A 87 -1.95 12.33 9.84
CA ASP A 87 -2.86 12.41 10.98
C ASP A 87 -4.25 11.93 10.56
N LEU A 88 -4.68 12.34 9.38
CA LEU A 88 -6.01 11.96 8.89
C LEU A 88 -6.17 10.45 8.76
N TYR A 89 -5.12 9.77 8.33
CA TYR A 89 -5.19 8.33 8.16
C TYR A 89 -5.06 7.50 9.44
N GLN A 90 -4.86 8.20 10.56
CA GLN A 90 -4.76 7.55 11.87
C GLN A 90 -6.15 7.65 12.53
N GLN A 91 -7.02 8.49 11.98
CA GLN A 91 -8.35 8.71 12.53
C GLN A 91 -9.42 7.80 11.92
N PHE A 92 -9.14 7.21 10.77
CA PHE A 92 -10.12 6.34 10.14
C PHE A 92 -9.57 4.96 9.80
N PRO A 93 -10.37 3.92 10.03
CA PRO A 93 -9.92 2.57 9.72
C PRO A 93 -9.93 2.38 8.21
N CYS A 94 -8.87 1.78 7.68
CA CYS A 94 -8.78 1.50 6.26
C CYS A 94 -8.82 2.72 5.36
N ALA A 95 -8.39 3.87 5.88
CA ALA A 95 -8.40 5.10 5.09
C ALA A 95 -7.63 4.97 3.78
N VAL A 96 -6.50 4.26 3.80
CA VAL A 96 -5.68 4.07 2.61
C VAL A 96 -6.41 3.28 1.53
N ALA A 97 -6.92 2.11 1.90
CA ALA A 97 -7.65 1.24 0.98
C ALA A 97 -8.84 1.93 0.34
N ILE A 98 -9.52 2.75 1.13
CA ILE A 98 -10.69 3.48 0.66
C ILE A 98 -10.33 4.52 -0.40
N GLU A 99 -9.28 5.30 -0.16
CA GLU A 99 -8.89 6.32 -1.12
C GLU A 99 -8.34 5.64 -2.38
N ILE A 100 -7.76 4.47 -2.18
CA ILE A 100 -7.17 3.70 -3.27
C ILE A 100 -8.21 3.04 -4.19
N GLN A 101 -9.37 2.69 -3.62
CA GLN A 101 -10.42 2.03 -4.39
C GLN A 101 -11.56 2.93 -4.83
N THR A 102 -11.31 4.24 -4.80
CA THR A 102 -12.31 5.22 -5.22
C THR A 102 -11.60 6.20 -6.11
N VAL A 103 -12.37 6.86 -6.97
CA VAL A 103 -11.83 7.89 -7.87
C VAL A 103 -11.95 9.20 -7.14
N PRO A 104 -10.95 10.08 -7.25
CA PRO A 104 -10.99 11.38 -6.57
C PRO A 104 -11.90 12.37 -7.31
N ALA A 105 -13.21 12.18 -7.19
CA ALA A 105 -14.20 13.02 -7.86
C ALA A 105 -14.84 14.03 -6.91
N TYR A 106 -14.60 13.87 -5.62
CA TYR A 106 -15.13 14.79 -4.63
C TYR A 106 -14.24 16.03 -4.51
N PRO A 107 -14.86 17.21 -4.35
CA PRO A 107 -14.27 18.56 -4.22
C PRO A 107 -13.05 18.71 -3.33
N GLN A 108 -13.18 18.33 -2.07
CA GLN A 108 -12.10 18.44 -1.12
C GLN A 108 -10.81 17.84 -1.66
N ARG A 109 -10.90 16.62 -2.18
CA ARG A 109 -9.74 15.92 -2.74
C ARG A 109 -9.11 16.72 -3.88
N LEU A 110 -9.92 17.01 -4.90
CA LEU A 110 -9.43 17.75 -6.05
C LEU A 110 -8.75 19.04 -5.64
N ARG A 111 -9.32 19.75 -4.67
CA ARG A 111 -8.74 21.00 -4.22
C ARG A 111 -7.36 20.78 -3.58
N HIS A 112 -7.24 19.72 -2.79
CA HIS A 112 -5.98 19.40 -2.13
C HIS A 112 -4.90 18.89 -3.07
N LEU A 113 -5.28 17.99 -3.98
CA LEU A 113 -4.33 17.43 -4.93
C LEU A 113 -3.81 18.55 -5.84
N ASN A 114 -4.73 19.34 -6.39
CA ASN A 114 -4.33 20.43 -7.26
C ASN A 114 -3.51 21.49 -6.56
N GLN A 115 -3.74 21.69 -5.27
CA GLN A 115 -2.97 22.70 -4.59
C GLN A 115 -1.60 22.22 -4.13
N GLY A 118 0.30 22.51 -6.99
CA GLY A 118 0.52 23.91 -7.26
C GLY A 118 1.74 24.40 -6.51
N ILE A 119 1.99 23.81 -5.34
CA ILE A 119 3.15 24.18 -4.52
C ILE A 119 4.41 23.92 -5.33
N LEU A 120 4.45 22.75 -5.98
CA LEU A 120 5.59 22.35 -6.78
C LEU A 120 5.75 23.10 -8.11
N ARG A 121 4.67 23.14 -8.88
CA ARG A 121 4.69 23.81 -10.18
C ARG A 121 5.12 25.27 -10.11
N GLU A 122 4.62 25.98 -9.11
CA GLU A 122 4.97 27.37 -8.93
C GLU A 122 6.40 27.51 -8.46
N ALA A 123 6.93 26.47 -7.82
CA ALA A 123 8.31 26.48 -7.34
C ALA A 123 9.27 26.13 -8.47
N GLY A 124 8.70 25.75 -9.62
CA GLY A 124 9.53 25.43 -10.77
C GLY A 124 9.64 23.97 -11.17
N PHE A 125 8.97 23.07 -10.45
CA PHE A 125 9.03 21.66 -10.79
C PHE A 125 8.22 21.31 -12.03
N SER A 126 8.85 20.61 -12.96
CA SER A 126 8.19 20.19 -14.18
C SER A 126 6.86 19.52 -13.88
N PRO A 127 5.98 19.45 -14.89
CA PRO A 127 4.67 18.81 -14.72
C PRO A 127 4.79 17.36 -14.33
N GLU A 128 5.72 16.64 -14.96
CA GLU A 128 5.87 15.22 -14.66
C GLU A 128 6.56 14.95 -13.34
N THR A 130 6.17 16.95 -10.70
CA THR A 130 5.19 17.35 -9.70
C THR A 130 4.25 16.16 -9.46
N HIS A 131 3.83 15.56 -10.57
CA HIS A 131 2.94 14.41 -10.56
C HIS A 131 3.60 13.24 -9.87
N LEU A 132 4.83 12.96 -10.28
CA LEU A 132 5.57 11.85 -9.70
C LEU A 132 5.81 12.05 -8.22
N ALA A 133 6.10 13.29 -7.83
CA ALA A 133 6.38 13.60 -6.43
C ALA A 133 5.12 13.49 -5.56
N VAL A 134 4.05 14.13 -6.00
CA VAL A 134 2.81 14.10 -5.24
C VAL A 134 2.25 12.69 -5.06
N THR A 135 2.28 11.88 -6.11
CA THR A 135 1.77 10.51 -6.04
C THR A 135 2.74 9.57 -5.29
N SER A 136 4.03 9.85 -5.38
CA SER A 136 5.04 9.03 -4.69
C SER A 136 4.98 9.27 -3.18
N LEU A 137 4.62 10.48 -2.77
CA LEU A 137 4.50 10.75 -1.35
C LEU A 137 3.26 10.02 -0.83
N GLN A 138 2.19 10.03 -1.62
CA GLN A 138 0.99 9.35 -1.21
C GLN A 138 1.27 7.84 -1.16
N HIS A 139 2.05 7.34 -2.11
CA HIS A 139 2.40 5.91 -2.17
C HIS A 139 3.21 5.52 -0.95
N LEU A 140 4.11 6.40 -0.54
CA LEU A 140 4.94 6.16 0.63
C LEU A 140 4.05 5.98 1.83
N LEU A 141 3.17 6.95 2.05
CA LEU A 141 2.22 6.94 3.18
C LEU A 141 1.29 5.72 3.15
N PHE A 142 0.74 5.42 1.99
CA PHE A 142 -0.15 4.27 1.83
C PHE A 142 0.48 2.96 2.27
N GLY A 143 1.66 2.66 1.72
CA GLY A 143 2.34 1.42 2.07
C GLY A 143 2.75 1.44 3.53
N ILE A 145 1.24 3.05 6.03
CA ILE A 145 0.09 2.80 6.89
C ILE A 145 -0.51 1.39 6.81
N ASP A 147 1.27 -1.36 6.10
CA ASP A 147 2.25 -2.20 6.75
C ASP A 147 2.08 -2.13 8.27
N ALA A 148 1.93 -0.91 8.78
CA ALA A 148 1.75 -0.71 10.22
C ALA A 148 0.43 -1.27 10.73
N THR A 149 -0.62 -1.18 9.92
CA THR A 149 -1.94 -1.66 10.29
C THR A 149 -1.98 -3.19 10.50
N GLU A 150 -1.35 -3.91 9.59
CA GLU A 150 -1.31 -5.36 9.71
C GLU A 150 -0.46 -5.67 10.92
N GLU A 151 0.66 -4.96 11.03
CA GLU A 151 1.59 -5.14 12.14
C GLU A 151 0.86 -5.20 13.49
N LYS A 152 0.06 -4.16 13.78
CA LYS A 152 -0.67 -4.09 15.04
C LYS A 152 -1.72 -5.20 15.12
N GLN A 153 -2.19 -5.66 13.97
CA GLN A 153 -3.18 -6.73 13.94
C GLN A 153 -2.49 -8.06 14.26
N LEU A 154 -1.33 -8.29 13.65
CA LEU A 154 -0.58 -9.51 13.88
C LEU A 154 -0.11 -9.52 15.34
N VAL A 155 0.32 -8.35 15.82
CA VAL A 155 0.78 -8.23 17.20
C VAL A 155 -0.34 -8.61 18.15
N SER A 156 -1.56 -8.18 17.84
CA SER A 156 -2.74 -8.47 18.63
C SER A 156 -3.02 -9.98 18.63
N GLN A 157 -3.09 -10.56 17.43
CA GLN A 157 -3.36 -11.98 17.25
C GLN A 157 -2.37 -12.82 18.05
N VAL A 158 -1.10 -12.43 18.00
CA VAL A 158 -0.13 -13.19 18.76
C VAL A 158 -0.52 -13.11 20.23
N LEU A 159 -0.57 -11.89 20.77
CA LEU A 159 -0.91 -11.68 22.17
C LEU A 159 -2.17 -12.42 22.64
N ASN A 160 -3.26 -12.37 21.86
CA ASN A 160 -4.47 -13.06 22.28
C ASN A 160 -4.34 -14.58 22.17
N GLY A 161 -3.12 -15.05 21.97
CA GLY A 161 -2.90 -16.49 21.88
C GLY A 161 -2.87 -17.20 20.54
N ASP A 162 -2.44 -16.54 19.46
CA ASP A 162 -2.36 -17.23 18.19
C ASP A 162 -1.01 -17.95 18.19
N ASP A 163 -1.04 -19.26 18.42
CA ASP A 163 0.17 -20.07 18.47
C ASP A 163 0.93 -20.17 17.16
N TYR A 164 0.22 -20.22 16.04
CA TYR A 164 0.90 -20.32 14.76
C TYR A 164 1.79 -19.10 14.51
N LEU A 165 1.20 -17.92 14.55
CA LEU A 165 1.95 -16.69 14.33
C LEU A 165 3.05 -16.51 15.36
N LYS A 166 2.80 -16.95 16.59
CA LYS A 166 3.80 -16.81 17.65
C LYS A 166 4.99 -17.65 17.24
N GLU A 167 4.73 -18.81 16.66
CA GLU A 167 5.79 -19.70 16.21
C GLU A 167 6.60 -19.08 15.08
N GLN A 168 5.91 -18.42 14.15
CA GLN A 168 6.56 -17.79 13.00
C GLN A 168 7.50 -16.68 13.43
N VAL A 169 7.03 -15.82 14.33
CA VAL A 169 7.85 -14.72 14.82
C VAL A 169 9.12 -15.34 15.38
N LEU A 170 8.96 -16.47 16.04
CA LEU A 170 10.08 -17.18 16.66
C LEU A 170 11.05 -17.69 15.59
N HIS A 171 10.52 -18.33 14.55
CA HIS A 171 11.36 -18.85 13.49
C HIS A 171 12.21 -17.72 12.89
N LYS A 173 13.47 -15.01 14.18
CA LYS A 173 14.64 -14.75 14.99
C LYS A 173 15.67 -15.89 14.95
N GLN A 174 15.20 -17.13 14.84
CA GLN A 174 16.12 -18.25 14.77
C GLN A 174 16.96 -18.18 13.49
N TYR A 175 16.32 -17.82 12.37
CA TYR A 175 17.02 -17.71 11.09
C TYR A 175 18.05 -16.60 11.12
N VAL A 176 17.66 -15.43 11.64
CA VAL A 176 18.58 -14.30 11.73
C VAL A 176 19.88 -14.80 12.37
N SER A 177 19.72 -15.54 13.47
CA SER A 177 20.85 -16.10 14.20
C SER A 177 21.57 -17.23 13.47
N ASP A 178 20.82 -18.16 12.90
CA ASP A 178 21.41 -19.30 12.19
C ASP A 178 22.23 -18.91 10.98
N ASN A 179 21.79 -17.87 10.29
CA ASN A 179 22.49 -17.40 9.09
C ASN A 179 23.35 -16.17 9.37
N GLU A 180 23.53 -15.85 10.65
CA GLU A 180 24.33 -14.71 11.04
C GLU A 180 23.97 -13.46 10.26
N LEU A 181 22.70 -13.05 10.38
CA LEU A 181 22.19 -11.86 9.70
C LEU A 181 22.32 -10.68 10.64
N THR A 182 23.56 -10.22 10.74
CA THR A 182 23.96 -9.10 11.57
C THR A 182 23.14 -7.84 11.43
N TYR A 183 22.82 -7.46 10.19
CA TYR A 183 22.04 -6.25 9.97
C TYR A 183 20.58 -6.40 10.30
N GLU A 185 19.50 -8.30 12.61
CA GLU A 185 19.47 -8.32 14.06
C GLU A 185 19.40 -6.90 14.61
N GLU A 186 20.33 -6.04 14.18
CA GLU A 186 20.31 -4.65 14.62
C GLU A 186 18.97 -4.04 14.23
N SER A 187 18.42 -4.52 13.11
CA SER A 187 17.14 -4.03 12.62
C SER A 187 16.03 -4.27 13.63
N ILE A 188 16.22 -5.26 14.49
CA ILE A 188 15.23 -5.60 15.51
C ILE A 188 14.79 -4.41 16.36
N GLN A 189 15.75 -3.73 16.97
CA GLN A 189 15.48 -2.58 17.84
C GLN A 189 14.66 -1.44 17.24
N PHE A 190 13.89 -1.75 16.19
CA PHE A 190 13.03 -0.77 15.52
C PHE A 190 11.73 -1.44 15.10
N HIS A 192 8.85 -0.88 16.32
CA HIS A 192 8.23 0.15 17.15
C HIS A 192 8.54 1.54 16.62
N SER A 193 9.82 1.76 16.40
CA SER A 193 10.34 3.03 15.92
C SER A 193 9.84 3.39 14.51
N ILE A 194 10.23 2.59 13.52
CA ILE A 194 9.84 2.83 12.13
C ILE A 194 8.36 2.62 11.85
N HIS A 195 7.52 3.16 12.73
CA HIS A 195 6.07 3.05 12.60
C HIS A 195 5.47 4.36 13.11
N GLN A 196 6.35 5.20 13.62
CA GLN A 196 5.93 6.47 14.16
C GLN A 196 5.97 7.61 13.16
N LYS A 197 5.09 8.58 13.37
CA LYS A 197 4.98 9.73 12.50
C LYS A 197 6.32 10.37 12.19
N SER A 198 7.23 10.38 13.15
CA SER A 198 8.54 10.98 12.91
C SER A 198 9.33 10.15 11.89
N ALA A 199 9.09 8.84 11.86
CA ALA A 199 9.77 8.00 10.88
C ALA A 199 9.23 8.41 9.50
N PHE A 200 7.92 8.58 9.41
CA PHE A 200 7.30 9.00 8.16
C PHE A 200 7.79 10.41 7.81
N ILE A 201 7.83 11.31 8.80
CA ILE A 201 8.29 12.67 8.55
C ILE A 201 9.72 12.65 8.03
N GLN A 202 10.55 11.76 8.58
CA GLN A 202 11.93 11.65 8.13
C GLN A 202 11.98 11.11 6.71
N ALA A 203 11.07 10.20 6.39
CA ALA A 203 11.06 9.63 5.04
C ALA A 203 10.67 10.67 4.00
N VAL A 204 9.68 11.49 4.32
CA VAL A 204 9.23 12.54 3.41
C VAL A 204 10.32 13.56 3.18
N LYS A 205 11.04 13.94 4.24
CA LYS A 205 12.10 14.93 4.11
C LYS A 205 13.22 14.42 3.21
N THR A 206 13.59 13.15 3.39
CA THR A 206 14.63 12.56 2.57
C THR A 206 14.19 12.63 1.11
N TYR A 207 12.89 12.48 0.88
CA TYR A 207 12.39 12.53 -0.49
C TYR A 207 12.43 13.96 -1.01
N LEU A 208 11.98 14.91 -0.19
CA LEU A 208 11.99 16.31 -0.59
C LEU A 208 13.43 16.76 -0.76
N ASP A 209 14.33 16.14 -0.02
CA ASP A 209 15.75 16.48 -0.14
C ASP A 209 16.23 16.09 -1.54
N GLY A 210 15.78 14.93 -2.00
CA GLY A 210 16.15 14.46 -3.32
C GLY A 210 15.59 15.37 -4.39
N LEU A 211 14.38 15.88 -4.12
CA LEU A 211 13.70 16.79 -5.03
C LEU A 211 14.47 18.09 -5.24
N GLN A 212 15.22 18.52 -4.23
CA GLN A 212 15.98 19.75 -4.36
C GLN A 212 17.15 19.56 -5.33
N ALA A 213 17.26 18.36 -5.91
CA ALA A 213 18.34 18.04 -6.85
C ALA A 213 17.86 17.16 -8.01
N ASP A 214 16.55 16.94 -8.07
CA ASP A 214 15.94 16.08 -9.08
C ASP A 214 14.79 16.72 -9.79
N ASN A 215 14.68 16.48 -11.08
CA ASN A 215 13.62 17.08 -11.86
C ASN A 215 13.65 18.57 -11.59
N THR A 216 14.67 18.95 -10.84
CA THR A 216 15.00 20.32 -10.56
C THR A 216 16.07 20.17 -11.65
N SER A 217 16.54 18.91 -11.75
CA SER A 217 17.49 18.46 -12.76
C SER A 217 16.68 18.44 -14.06
N SER A 218 15.36 18.41 -13.91
CA SER A 218 14.43 18.40 -15.03
C SER A 218 13.51 19.63 -14.99
N SER A 219 13.85 20.62 -14.17
CA SER A 219 13.01 21.81 -14.06
C SER A 219 13.39 22.97 -14.97
N LYS A 220 12.83 24.15 -14.64
CA LYS A 220 13.07 25.40 -15.36
C LYS A 220 12.84 25.22 -16.86
N PRO B 3 2.21 -37.60 -7.94
CA PRO B 3 1.08 -38.55 -7.91
C PRO B 3 0.27 -38.41 -6.64
N LYS B 4 0.65 -37.44 -5.81
CA LYS B 4 -0.05 -37.19 -4.55
C LYS B 4 -0.04 -35.72 -4.18
N LEU B 5 -0.99 -35.32 -3.34
CA LEU B 5 -1.10 -33.94 -2.88
C LEU B 5 0.14 -33.48 -2.13
N SER B 6 0.57 -32.25 -2.41
CA SER B 6 1.75 -31.67 -1.77
C SER B 6 1.52 -30.19 -1.49
N LYS B 7 2.40 -29.59 -0.67
CA LYS B 7 2.29 -28.18 -0.36
C LYS B 7 2.33 -27.39 -1.67
N ASP B 8 3.26 -27.77 -2.54
CA ASP B 8 3.43 -27.12 -3.84
C ASP B 8 2.20 -27.16 -4.72
N THR B 9 1.55 -28.31 -4.77
CA THR B 9 0.34 -28.48 -5.56
C THR B 9 -0.74 -27.51 -5.09
N ILE B 10 -0.82 -27.33 -3.77
CA ILE B 10 -1.80 -26.45 -3.15
C ILE B 10 -1.45 -24.98 -3.37
N ILE B 11 -0.19 -24.63 -3.19
CA ILE B 11 0.23 -23.25 -3.40
C ILE B 11 -0.04 -22.83 -4.85
N ALA B 12 0.24 -23.73 -5.79
CA ALA B 12 0.01 -23.40 -7.19
C ALA B 12 -1.47 -23.16 -7.41
N ALA B 13 -2.30 -24.00 -6.80
CA ALA B 13 -3.74 -23.86 -6.93
C ALA B 13 -4.18 -22.56 -6.28
N ALA B 14 -3.55 -22.18 -5.17
CA ALA B 14 -3.92 -20.93 -4.50
C ALA B 14 -3.66 -19.75 -5.44
N PHE B 15 -2.46 -19.68 -6.02
CA PHE B 15 -2.13 -18.61 -6.94
C PHE B 15 -3.02 -18.66 -8.19
N SER B 16 -3.29 -19.87 -8.68
CA SER B 16 -4.13 -20.03 -9.84
C SER B 16 -5.49 -19.40 -9.52
N LEU B 17 -5.92 -19.61 -8.30
CA LEU B 17 -7.18 -19.09 -7.82
C LEU B 17 -7.12 -17.58 -7.75
N LEU B 18 -5.97 -17.02 -7.42
CA LEU B 18 -5.84 -15.56 -7.34
C LEU B 18 -5.81 -14.91 -8.71
N GLU B 19 -5.33 -15.64 -9.71
CA GLU B 19 -5.29 -15.11 -11.07
C GLU B 19 -6.72 -14.87 -11.56
N LYS B 20 -7.63 -15.75 -11.16
CA LYS B 20 -9.03 -15.66 -11.54
C LYS B 20 -9.70 -14.56 -10.73
N SER B 21 -9.55 -14.62 -9.41
CA SER B 21 -10.13 -13.62 -8.51
C SER B 21 -8.99 -13.00 -7.71
N PRO B 22 -8.39 -11.91 -8.22
CA PRO B 22 -7.28 -11.22 -7.55
C PRO B 22 -7.62 -10.43 -6.29
N THR B 23 -8.22 -11.11 -5.31
CA THR B 23 -8.59 -10.53 -4.03
C THR B 23 -8.20 -11.54 -2.97
N LEU B 24 -7.11 -11.26 -2.26
CA LEU B 24 -6.58 -12.15 -1.23
C LEU B 24 -7.58 -12.55 -0.13
N GLU B 25 -8.47 -11.63 0.24
CA GLU B 25 -9.45 -11.93 1.28
C GLU B 25 -10.45 -12.98 0.80
N GLN B 26 -10.63 -13.06 -0.50
CA GLN B 26 -11.57 -14.03 -1.03
C GLN B 26 -10.98 -15.43 -1.10
N LEU B 27 -9.65 -15.54 -1.01
CA LEU B 27 -9.00 -16.85 -1.06
C LEU B 27 -9.36 -17.69 0.17
N SER B 28 -10.24 -18.68 0.00
CA SER B 28 -10.61 -19.54 1.11
C SER B 28 -10.09 -20.95 0.87
N ARG B 30 -11.67 -23.78 1.06
CA ARG B 30 -12.59 -24.61 0.29
C ARG B 30 -12.32 -24.38 -1.19
N LYS B 31 -12.20 -23.11 -1.56
CA LYS B 31 -11.94 -22.73 -2.94
C LYS B 31 -10.69 -23.42 -3.45
N VAL B 32 -9.61 -23.30 -2.68
CA VAL B 32 -8.35 -23.92 -3.05
C VAL B 32 -8.57 -25.42 -3.19
N ALA B 33 -9.50 -25.95 -2.40
CA ALA B 33 -9.81 -27.38 -2.43
C ALA B 33 -10.52 -27.72 -3.73
N LYS B 34 -11.56 -26.96 -4.04
CA LYS B 34 -12.34 -27.15 -5.26
C LYS B 34 -11.48 -26.95 -6.51
N GLN B 35 -10.42 -26.14 -6.39
CA GLN B 35 -9.54 -25.90 -7.53
C GLN B 35 -8.84 -27.21 -7.88
N LEU B 36 -8.60 -28.04 -6.86
CA LEU B 36 -7.95 -29.32 -7.03
C LEU B 36 -8.99 -30.46 -7.06
N GLY B 37 -10.26 -30.09 -7.04
CA GLY B 37 -11.31 -31.09 -7.05
C GLY B 37 -11.33 -31.95 -5.79
N VAL B 38 -10.88 -31.39 -4.68
CA VAL B 38 -10.86 -32.12 -3.41
C VAL B 38 -11.73 -31.39 -2.39
N GLN B 39 -11.70 -31.87 -1.15
CA GLN B 39 -12.48 -31.29 -0.06
C GLN B 39 -11.55 -30.54 0.90
N ALA B 40 -12.03 -29.39 1.40
CA ALA B 40 -11.28 -28.55 2.32
C ALA B 40 -10.42 -29.31 3.35
N PRO B 41 -11.00 -30.31 4.02
CA PRO B 41 -10.28 -31.09 5.02
C PRO B 41 -8.90 -31.55 4.56
N ALA B 42 -8.77 -31.83 3.27
CA ALA B 42 -7.49 -32.29 2.72
C ALA B 42 -6.39 -31.22 2.79
N ILE B 43 -6.77 -29.96 2.56
CA ILE B 43 -5.81 -28.87 2.57
C ILE B 43 -5.22 -28.69 3.98
N TYR B 44 -6.03 -29.01 4.99
CA TYR B 44 -5.60 -28.86 6.39
C TYR B 44 -4.53 -29.83 6.87
N TRP B 45 -4.29 -30.90 6.10
CA TRP B 45 -3.25 -31.84 6.48
C TRP B 45 -1.89 -31.18 6.28
N TYR B 46 -1.81 -30.29 5.28
CA TYR B 46 -0.57 -29.58 4.97
C TYR B 46 -0.58 -28.14 5.46
N PHE B 47 -1.76 -27.61 5.75
CA PHE B 47 -1.88 -26.23 6.21
C PHE B 47 -2.89 -26.07 7.35
N LYS B 48 -2.38 -25.68 8.52
CA LYS B 48 -3.18 -25.50 9.73
C LYS B 48 -4.33 -24.49 9.56
N ASN B 49 -4.06 -23.42 8.83
CA ASN B 49 -5.06 -22.38 8.57
C ASN B 49 -4.63 -21.58 7.35
N LYS B 50 -5.42 -20.59 6.99
CA LYS B 50 -5.10 -19.76 5.85
C LYS B 50 -3.77 -19.04 6.04
N GLN B 51 -3.45 -18.71 7.29
CA GLN B 51 -2.19 -18.02 7.55
C GLN B 51 -0.99 -18.88 7.17
N ALA B 52 -1.06 -20.19 7.46
CA ALA B 52 0.02 -21.09 7.10
C ALA B 52 0.12 -21.17 5.57
N LEU B 53 -1.01 -21.07 4.89
CA LEU B 53 -0.98 -21.12 3.43
C LEU B 53 -0.32 -19.83 2.90
N LEU B 54 -0.70 -18.70 3.49
CA LEU B 54 -0.16 -17.41 3.09
C LEU B 54 1.35 -17.35 3.32
N GLN B 55 1.82 -17.91 4.43
CA GLN B 55 3.24 -17.91 4.72
C GLN B 55 3.98 -18.65 3.61
N SER B 56 3.44 -19.79 3.20
CA SER B 56 4.08 -20.56 2.16
C SER B 56 4.04 -19.86 0.82
N ALA B 58 4.00 -16.59 0.35
CA ALA B 58 4.97 -15.51 0.46
C ALA B 58 6.37 -16.07 0.22
N GLU B 59 6.66 -17.22 0.81
CA GLU B 59 7.95 -17.83 0.65
C GLU B 59 8.12 -18.21 -0.82
N ALA B 60 7.04 -18.66 -1.44
CA ALA B 60 7.09 -19.06 -2.84
C ALA B 60 7.47 -17.90 -3.74
N ILE B 61 6.92 -16.72 -3.43
CA ILE B 61 7.22 -15.53 -4.21
C ILE B 61 8.70 -15.21 -4.08
N GLU B 62 9.17 -15.10 -2.84
CA GLU B 62 10.57 -14.77 -2.60
C GLU B 62 11.50 -15.59 -3.48
N GLU B 63 11.25 -16.90 -3.55
CA GLU B 63 12.07 -17.80 -4.35
C GLU B 63 12.26 -17.37 -5.81
N HIS B 64 11.30 -16.60 -6.34
CA HIS B 64 11.42 -16.14 -7.71
C HIS B 64 12.24 -14.86 -7.85
N PHE B 65 12.63 -14.26 -6.73
CA PHE B 65 13.41 -13.03 -6.78
C PHE B 65 14.71 -13.27 -7.53
N GLN B 66 15.06 -12.34 -8.40
CA GLN B 66 16.30 -12.43 -9.17
C GLN B 66 17.37 -11.67 -8.40
N GLU B 67 18.41 -12.39 -7.95
CA GLU B 67 19.50 -11.76 -7.23
C GLU B 67 20.11 -10.71 -8.16
N PRO B 68 20.24 -9.46 -7.70
CA PRO B 68 20.81 -8.41 -8.54
C PRO B 68 22.34 -8.50 -8.69
N ALA B 69 22.84 -7.98 -9.82
CA ALA B 69 24.28 -7.98 -10.07
C ALA B 69 24.84 -6.77 -9.32
N LEU B 70 25.51 -7.00 -8.20
CA LEU B 70 26.06 -5.93 -7.39
C LEU B 70 27.40 -5.41 -7.90
N CYS B 71 27.64 -4.11 -7.70
CA CYS B 71 28.89 -3.50 -8.16
C CYS B 71 29.67 -2.80 -7.06
N GLY B 72 29.11 -2.76 -5.86
CA GLY B 72 29.81 -2.11 -4.77
C GLY B 72 29.41 -0.68 -4.48
N GLU B 73 28.57 -0.12 -5.34
CA GLU B 73 28.09 1.25 -5.14
C GLU B 73 26.78 1.13 -4.35
N TRP B 74 26.69 1.77 -3.18
CA TRP B 74 25.48 1.66 -2.39
C TRP B 74 24.22 2.15 -3.11
N TYR B 75 24.35 3.23 -3.88
CA TYR B 75 23.23 3.78 -4.62
C TYR B 75 22.71 2.79 -5.66
N SER B 76 23.56 2.41 -6.62
CA SER B 76 23.16 1.46 -7.66
C SER B 76 22.64 0.15 -7.08
N ASP B 77 23.43 -0.45 -6.19
CA ASP B 77 23.05 -1.72 -5.60
C ASP B 77 21.66 -1.70 -4.99
N LEU B 78 21.40 -0.76 -4.09
CA LEU B 78 20.08 -0.68 -3.49
C LEU B 78 19.02 -0.44 -4.58
N LEU B 79 19.42 0.27 -5.64
CA LEU B 79 18.52 0.56 -6.75
C LEU B 79 18.18 -0.74 -7.46
N ALA B 80 19.20 -1.55 -7.70
CA ALA B 80 19.03 -2.82 -8.37
C ALA B 80 18.06 -3.70 -7.59
N PHE B 81 18.19 -3.67 -6.27
CA PHE B 81 17.33 -4.47 -5.40
C PHE B 81 15.85 -4.11 -5.52
N GLU B 83 14.40 -2.46 -7.90
CA GLU B 83 13.95 -2.69 -9.26
C GLU B 83 13.55 -4.16 -9.41
N ASN B 84 14.37 -5.06 -8.87
CA ASN B 84 14.06 -6.48 -8.95
C ASN B 84 12.84 -6.85 -8.10
N TYR B 85 12.60 -6.12 -7.03
CA TYR B 85 11.42 -6.44 -6.25
C TYR B 85 10.19 -5.94 -7.02
N TYR B 86 10.36 -4.86 -7.78
CA TYR B 86 9.26 -4.35 -8.56
C TYR B 86 8.87 -5.38 -9.61
N ASP B 87 9.86 -6.04 -10.21
CA ASP B 87 9.57 -7.05 -11.23
C ASP B 87 8.89 -8.24 -10.58
N LEU B 88 9.41 -8.65 -9.43
CA LEU B 88 8.85 -9.79 -8.71
C LEU B 88 7.38 -9.58 -8.34
N TYR B 89 7.09 -8.47 -7.68
CA TYR B 89 5.73 -8.19 -7.24
C TYR B 89 4.78 -8.03 -8.41
N GLN B 90 5.34 -7.84 -9.60
CA GLN B 90 4.53 -7.69 -10.80
C GLN B 90 4.24 -9.05 -11.43
N GLN B 91 4.90 -10.09 -10.91
CA GLN B 91 4.72 -11.42 -11.44
C GLN B 91 3.65 -12.25 -10.76
N PHE B 92 3.27 -11.89 -9.54
CA PHE B 92 2.25 -12.65 -8.81
C PHE B 92 1.08 -11.75 -8.39
N PRO B 93 -0.15 -12.31 -8.40
CA PRO B 93 -1.30 -11.52 -8.01
C PRO B 93 -1.31 -11.39 -6.48
N CYS B 94 -1.72 -10.21 -6.01
CA CYS B 94 -1.79 -9.97 -4.57
C CYS B 94 -0.44 -10.07 -3.86
N ALA B 95 0.64 -10.11 -4.63
CA ALA B 95 1.98 -10.21 -4.08
C ALA B 95 2.23 -9.25 -2.91
N VAL B 96 1.80 -8.02 -3.06
CA VAL B 96 2.00 -7.04 -2.01
C VAL B 96 1.17 -7.41 -0.78
N ALA B 97 -0.12 -7.63 -1.00
CA ALA B 97 -1.00 -8.00 0.09
C ALA B 97 -0.44 -9.21 0.85
N ILE B 98 0.17 -10.14 0.12
CA ILE B 98 0.75 -11.34 0.74
C ILE B 98 1.93 -11.01 1.63
N GLU B 99 2.79 -10.09 1.18
CA GLU B 99 3.95 -9.64 1.94
C GLU B 99 3.45 -8.95 3.20
N ILE B 100 2.52 -8.03 3.00
CA ILE B 100 1.91 -7.26 4.06
C ILE B 100 1.29 -8.15 5.14
N GLN B 101 0.55 -9.16 4.73
CA GLN B 101 -0.14 -10.05 5.66
C GLN B 101 0.66 -11.22 6.28
N THR B 102 1.96 -11.28 6.03
CA THR B 102 2.75 -12.36 6.58
C THR B 102 3.99 -11.83 7.27
N VAL B 103 4.61 -12.66 8.09
CA VAL B 103 5.82 -12.27 8.78
C VAL B 103 6.98 -12.92 8.01
N PRO B 104 8.08 -12.17 7.81
CA PRO B 104 9.21 -12.75 7.07
C PRO B 104 9.92 -13.83 7.89
N ALA B 105 9.24 -14.96 8.08
CA ALA B 105 9.81 -16.05 8.85
C ALA B 105 10.53 -17.07 7.98
N TYR B 106 10.95 -16.65 6.80
CA TYR B 106 11.67 -17.53 5.87
C TYR B 106 13.03 -16.92 5.53
N PRO B 107 14.09 -17.73 5.60
CA PRO B 107 15.47 -17.33 5.32
C PRO B 107 15.69 -16.45 4.08
N GLN B 108 15.09 -16.83 2.97
CA GLN B 108 15.24 -16.07 1.73
C GLN B 108 14.92 -14.59 1.90
N ARG B 109 13.72 -14.28 2.37
CA ARG B 109 13.33 -12.89 2.57
C ARG B 109 14.26 -12.20 3.57
N LEU B 110 14.67 -12.92 4.62
CA LEU B 110 15.52 -12.34 5.63
C LEU B 110 16.92 -11.93 5.15
N ARG B 111 17.54 -12.76 4.33
CA ARG B 111 18.86 -12.45 3.82
C ARG B 111 18.85 -11.29 2.83
N HIS B 112 17.75 -11.12 2.09
CA HIS B 112 17.65 -10.01 1.15
C HIS B 112 17.56 -8.71 1.94
N LEU B 113 16.75 -8.72 2.99
CA LEU B 113 16.60 -7.54 3.84
C LEU B 113 17.92 -7.22 4.52
N ASN B 114 18.61 -8.27 4.96
CA ASN B 114 19.90 -8.12 5.65
C ASN B 114 20.94 -7.61 4.66
N GLN B 115 20.81 -8.06 3.42
CA GLN B 115 21.72 -7.67 2.37
C GLN B 115 21.56 -6.17 2.07
N GLY B 118 22.82 -4.10 5.00
CA GLY B 118 24.26 -4.11 5.12
C GLY B 118 24.92 -3.17 4.13
N ILE B 119 24.42 -3.19 2.89
CA ILE B 119 24.91 -2.32 1.83
C ILE B 119 24.93 -0.88 2.32
N LEU B 120 23.89 -0.49 3.05
CA LEU B 120 23.80 0.87 3.55
C LEU B 120 24.67 1.04 4.80
N ARG B 121 24.65 0.06 5.69
CA ARG B 121 25.44 0.14 6.91
C ARG B 121 26.93 0.17 6.58
N GLU B 122 27.36 -0.73 5.71
CA GLU B 122 28.76 -0.77 5.31
C GLU B 122 29.16 0.48 4.53
N ALA B 123 28.17 1.22 4.05
CA ALA B 123 28.42 2.44 3.28
C ALA B 123 28.55 3.66 4.19
N GLY B 124 28.29 3.47 5.49
CA GLY B 124 28.41 4.57 6.42
C GLY B 124 27.11 5.09 7.01
N PHE B 125 25.98 4.51 6.63
CA PHE B 125 24.70 4.98 7.15
C PHE B 125 24.38 4.45 8.54
N SER B 126 23.72 5.28 9.32
CA SER B 126 23.34 4.96 10.68
C SER B 126 22.41 3.75 10.72
N PRO B 127 22.49 2.95 11.78
CA PRO B 127 21.62 1.78 11.88
C PRO B 127 20.14 2.20 11.74
N GLU B 128 19.81 3.34 12.32
CA GLU B 128 18.44 3.84 12.28
C GLU B 128 18.08 4.34 10.89
N THR B 130 19.48 3.31 8.00
CA THR B 130 19.45 2.25 6.99
C THR B 130 18.11 1.54 7.11
N HIS B 131 17.61 1.46 8.34
CA HIS B 131 16.33 0.82 8.61
C HIS B 131 15.22 1.66 8.00
N LEU B 132 15.27 2.96 8.25
CA LEU B 132 14.25 3.85 7.71
C LEU B 132 14.28 3.73 6.19
N ALA B 133 15.47 3.86 5.62
CA ALA B 133 15.65 3.78 4.16
C ALA B 133 15.07 2.51 3.54
N VAL B 134 15.51 1.35 4.02
CA VAL B 134 15.02 0.11 3.46
C VAL B 134 13.51 -0.11 3.63
N THR B 135 12.99 0.16 4.83
CA THR B 135 11.57 -0.02 5.06
C THR B 135 10.75 1.05 4.31
N SER B 136 11.34 2.23 4.13
CA SER B 136 10.66 3.32 3.42
C SER B 136 10.54 3.01 1.95
N LEU B 137 11.58 2.41 1.38
CA LEU B 137 11.59 2.03 -0.02
C LEU B 137 10.57 0.93 -0.26
N GLN B 138 10.44 0.01 0.68
CA GLN B 138 9.46 -1.06 0.54
C GLN B 138 8.06 -0.44 0.54
N HIS B 139 7.88 0.56 1.41
CA HIS B 139 6.60 1.25 1.55
C HIS B 139 6.18 1.91 0.22
N LEU B 140 7.12 2.61 -0.40
CA LEU B 140 6.88 3.28 -1.66
C LEU B 140 6.40 2.29 -2.73
N LEU B 141 7.06 1.13 -2.80
CA LEU B 141 6.72 0.09 -3.76
C LEU B 141 5.35 -0.53 -3.44
N PHE B 142 5.12 -0.85 -2.16
CA PHE B 142 3.85 -1.41 -1.73
C PHE B 142 2.69 -0.52 -2.15
N GLY B 143 2.75 0.74 -1.72
CA GLY B 143 1.70 1.69 -2.02
C GLY B 143 1.52 2.02 -3.48
N ILE B 145 2.33 -0.17 -6.12
CA ILE B 145 1.83 -1.39 -6.76
C ILE B 145 0.32 -1.55 -6.56
N ASP B 147 -1.80 0.85 -5.57
CA ASP B 147 -2.46 2.02 -6.10
C ASP B 147 -2.70 1.69 -7.56
N ALA B 148 -1.63 1.27 -8.24
CA ALA B 148 -1.67 0.93 -9.65
C ALA B 148 -2.59 -0.26 -9.95
N THR B 149 -2.65 -1.22 -9.04
CA THR B 149 -3.50 -2.38 -9.24
C THR B 149 -4.96 -2.01 -9.13
N GLU B 150 -5.29 -1.17 -8.14
CA GLU B 150 -6.66 -0.72 -7.91
C GLU B 150 -7.14 0.33 -8.89
N GLU B 151 -6.23 1.15 -9.38
CA GLU B 151 -6.58 2.20 -10.32
C GLU B 151 -6.70 1.64 -11.73
N LYS B 152 -6.04 0.51 -11.99
CA LYS B 152 -6.11 -0.09 -13.31
C LYS B 152 -7.52 -0.65 -13.47
N GLN B 153 -8.03 -1.22 -12.39
CA GLN B 153 -9.36 -1.79 -12.41
C GLN B 153 -10.43 -0.70 -12.58
N LEU B 154 -10.29 0.38 -11.82
CA LEU B 154 -11.22 1.50 -11.88
C LEU B 154 -11.29 2.06 -13.29
N VAL B 155 -10.13 2.26 -13.91
CA VAL B 155 -10.05 2.80 -15.26
C VAL B 155 -10.66 1.80 -16.23
N SER B 156 -10.56 0.52 -15.88
CA SER B 156 -11.12 -0.51 -16.74
C SER B 156 -12.64 -0.47 -16.66
N GLN B 157 -13.16 -0.37 -15.43
CA GLN B 157 -14.61 -0.33 -15.26
C GLN B 157 -15.21 0.86 -15.99
N VAL B 158 -14.54 2.00 -15.92
CA VAL B 158 -14.99 3.21 -16.60
C VAL B 158 -15.01 3.03 -18.12
N LEU B 159 -13.95 2.44 -18.67
CA LEU B 159 -13.82 2.20 -20.10
C LEU B 159 -14.71 1.03 -20.54
N ASN B 160 -15.32 0.35 -19.57
CA ASN B 160 -16.19 -0.79 -19.84
C ASN B 160 -17.63 -0.45 -19.55
N GLY B 161 -18.04 0.77 -19.89
CA GLY B 161 -19.41 1.18 -19.64
C GLY B 161 -19.89 0.85 -18.23
N ASP B 162 -19.56 1.72 -17.28
CA ASP B 162 -19.98 1.55 -15.90
C ASP B 162 -20.60 2.89 -15.50
N ASP B 163 -21.89 3.03 -15.78
CA ASP B 163 -22.64 4.26 -15.50
C ASP B 163 -22.13 5.07 -14.32
N TYR B 164 -22.21 4.49 -13.13
CA TYR B 164 -21.81 5.19 -11.92
C TYR B 164 -20.42 5.82 -11.96
N LEU B 165 -19.39 4.99 -12.00
CA LEU B 165 -18.02 5.48 -12.04
C LEU B 165 -17.83 6.44 -13.20
N LYS B 166 -18.43 6.09 -14.34
CA LYS B 166 -18.33 6.94 -15.52
C LYS B 166 -18.84 8.32 -15.08
N GLU B 167 -19.99 8.32 -14.43
CA GLU B 167 -20.64 9.53 -13.93
C GLU B 167 -19.66 10.25 -13.01
N GLN B 168 -19.05 9.50 -12.12
CA GLN B 168 -18.08 10.05 -11.18
C GLN B 168 -16.94 10.74 -11.92
N VAL B 169 -16.43 10.06 -12.94
CA VAL B 169 -15.33 10.60 -13.73
C VAL B 169 -15.73 11.89 -14.41
N LEU B 170 -16.95 11.95 -14.93
CA LEU B 170 -17.39 13.18 -15.60
C LEU B 170 -17.51 14.31 -14.58
N HIS B 171 -18.13 14.02 -13.45
CA HIS B 171 -18.27 15.01 -12.39
C HIS B 171 -16.90 15.58 -12.06
N LYS B 173 -14.04 15.64 -13.91
CA LYS B 173 -13.51 16.48 -14.98
C LYS B 173 -14.23 17.82 -15.09
N GLN B 174 -15.53 17.85 -14.80
CA GLN B 174 -16.24 19.13 -14.86
C GLN B 174 -15.77 20.03 -13.71
N TYR B 175 -15.68 19.47 -12.52
CA TYR B 175 -15.26 20.25 -11.36
C TYR B 175 -13.90 20.91 -11.61
N VAL B 176 -12.95 20.09 -12.04
CA VAL B 176 -11.60 20.55 -12.34
C VAL B 176 -11.67 21.70 -13.33
N SER B 177 -12.50 21.54 -14.34
CA SER B 177 -12.65 22.57 -15.36
C SER B 177 -13.37 23.83 -14.83
N ASP B 178 -14.54 23.63 -14.24
CA ASP B 178 -15.33 24.75 -13.71
C ASP B 178 -14.55 25.56 -12.68
N ASN B 179 -13.58 24.93 -12.04
CA ASN B 179 -12.78 25.61 -11.03
C ASN B 179 -11.34 25.85 -11.46
N GLU B 180 -11.10 25.74 -12.77
CA GLU B 180 -9.79 25.95 -13.35
C GLU B 180 -8.67 25.34 -12.52
N LEU B 181 -8.84 24.09 -12.11
CA LEU B 181 -7.82 23.40 -11.32
C LEU B 181 -6.74 22.93 -12.29
N THR B 182 -5.98 23.90 -12.76
CA THR B 182 -4.89 23.70 -13.73
C THR B 182 -3.99 22.51 -13.47
N TYR B 183 -3.32 22.52 -12.32
CA TYR B 183 -2.40 21.48 -11.93
C TYR B 183 -3.00 20.08 -11.88
N GLU B 185 -5.58 19.22 -13.49
CA GLU B 185 -5.96 18.99 -14.88
C GLU B 185 -4.83 18.38 -15.71
N GLU B 186 -3.61 18.91 -15.58
CA GLU B 186 -2.49 18.36 -16.34
C GLU B 186 -2.06 17.04 -15.73
N SER B 187 -2.40 16.83 -14.46
CA SER B 187 -2.05 15.59 -13.76
C SER B 187 -2.80 14.41 -14.37
N ILE B 188 -4.05 14.65 -14.77
CA ILE B 188 -4.86 13.60 -15.37
C ILE B 188 -4.16 13.10 -16.63
N GLN B 189 -3.56 14.02 -17.37
CA GLN B 189 -2.85 13.70 -18.60
C GLN B 189 -2.01 12.44 -18.48
N PHE B 190 -1.19 12.36 -17.43
CA PHE B 190 -0.35 11.19 -17.21
C PHE B 190 -1.18 9.99 -16.79
N ARG B 191 -1.53 9.15 -17.79
CA ARG B 191 -2.32 7.96 -17.55
C ARG B 191 -3.81 8.31 -17.38
N ILE B 194 3.01 8.03 -18.97
CA ILE B 194 3.37 7.61 -17.63
C ILE B 194 3.67 6.11 -17.54
N HIS B 195 4.92 5.73 -17.87
CA HIS B 195 5.33 4.32 -17.82
C HIS B 195 5.56 3.91 -16.37
N GLN B 196 4.69 3.04 -15.86
CA GLN B 196 4.78 2.58 -14.49
C GLN B 196 6.16 2.25 -13.90
N LYS B 197 6.83 1.21 -14.40
CA LYS B 197 8.12 0.87 -13.86
C LYS B 197 9.07 2.05 -13.84
N SER B 198 9.14 2.77 -14.96
CA SER B 198 10.02 3.93 -15.09
C SER B 198 9.73 4.95 -13.97
N ALA B 199 8.45 5.11 -13.66
CA ALA B 199 8.01 6.02 -12.61
C ALA B 199 8.58 5.54 -11.27
N PHE B 200 8.49 4.24 -11.02
CA PHE B 200 8.99 3.70 -9.78
C PHE B 200 10.49 3.95 -9.62
N ILE B 201 11.24 3.72 -10.69
CA ILE B 201 12.69 3.93 -10.63
C ILE B 201 12.99 5.40 -10.33
N GLN B 202 12.20 6.29 -10.91
CA GLN B 202 12.37 7.73 -10.71
C GLN B 202 12.11 8.09 -9.26
N ALA B 203 11.11 7.45 -8.66
CA ALA B 203 10.77 7.71 -7.26
C ALA B 203 11.89 7.23 -6.32
N VAL B 204 12.44 6.05 -6.58
CA VAL B 204 13.52 5.52 -5.74
C VAL B 204 14.81 6.33 -5.93
N LYS B 205 15.18 6.62 -7.17
CA LYS B 205 16.38 7.40 -7.42
C LYS B 205 16.29 8.71 -6.66
N THR B 206 15.07 9.26 -6.63
CA THR B 206 14.82 10.50 -5.93
C THR B 206 15.01 10.32 -4.43
N TYR B 207 14.48 9.23 -3.89
CA TYR B 207 14.64 8.99 -2.48
C TYR B 207 16.15 8.82 -2.24
N LEU B 208 16.78 7.98 -3.06
CA LEU B 208 18.21 7.74 -2.96
C LEU B 208 19.02 9.04 -3.02
N ASP B 209 18.63 9.97 -3.91
CA ASP B 209 19.34 11.23 -4.02
C ASP B 209 19.23 12.01 -2.72
N GLY B 210 18.13 11.82 -2.01
CA GLY B 210 17.93 12.50 -0.75
C GLY B 210 18.83 11.93 0.34
N LEU B 211 19.09 10.63 0.31
CA LEU B 211 19.95 10.02 1.32
C LEU B 211 21.34 10.56 1.13
N GLN B 212 21.79 10.50 -0.11
CA GLN B 212 23.09 10.98 -0.51
C GLN B 212 23.37 12.42 -0.07
N ALA B 213 22.34 13.25 -0.04
CA ALA B 213 22.50 14.65 0.35
C ALA B 213 22.92 14.86 1.81
N ASP B 214 22.22 14.25 2.75
CA ASP B 214 22.54 14.41 4.16
C ASP B 214 23.43 13.31 4.72
#